data_2C7T
#
_entry.id   2C7T
#
_cell.length_a   73.740
_cell.length_b   73.740
_cell.length_c   162.520
_cell.angle_alpha   90.00
_cell.angle_beta   90.00
_cell.angle_gamma   120.00
#
_symmetry.space_group_name_H-M   'P 32 2 1'
#
loop_
_entity.id
_entity.type
_entity.pdbx_description
1 polymer 'GLUTAMINE-2-DEOXY-SCYLLO-INOSOSE AMINOTRANSFERASE'
2 non-polymer "PYRIDOXAL-5'-PHOSPHATE"
3 non-polymer 'SULFATE ION'
4 water water
#
_entity_poly.entity_id   1
_entity_poly.type   'polypeptide(L)'
_entity_poly.pdbx_seq_one_letter_code
;MTIPFDHWPEWPQHSDRTRRKIEEVFQSNRWAISGYWTGEESMERKFAKAFADFNGVPYCVPTTSGSTALMLALEALGIG
EGDEVIVPSLTWIATATAVLNVNALPVFVDVEADTYCIDPQLIKSAITDKTKAIIPVHLFGSMANMDEINEIAQEHNLFV
IEDCAQSHGSVWNNQRAGTIGDIGAFSCQQGKVLTAGEGGIIVTKNPRLFELIQQLRADSRVYCDDSSELMHGDMQLVKK
GDIQGSNYCLSEFQSAILLDQLQELDDKNAIREKNAMFLNDALSKIDGIKVMKRPPQVSRQTYYGYVFRFDPVKFGGLNA
DQFCEILREKLNMGTFYLHPPYLPVHKNPLFCPWTKNRYLKSVRKTEAYWRGLHYPVSERASGQSIVIHHAILLAEPSHL
SLLVDAVAELARKFCVTH
;
_entity_poly.pdbx_strand_id   A
#
loop_
_chem_comp.id
_chem_comp.type
_chem_comp.name
_chem_comp.formula
PLP non-polymer PYRIDOXAL-5'-PHOSPHATE 'C8 H10 N O6 P'
SO4 non-polymer 'SULFATE ION' 'O4 S -2'
#
# COMPACT_ATOMS: atom_id res chain seq x y z
N ASP A 6 20.38 -1.97 24.04
CA ASP A 6 19.78 -1.08 23.00
C ASP A 6 19.96 -1.68 21.60
N HIS A 7 18.85 -1.78 20.87
CA HIS A 7 18.87 -2.33 19.51
C HIS A 7 18.03 -1.44 18.60
N TRP A 8 17.93 -1.81 17.33
CA TRP A 8 17.14 -1.03 16.39
C TRP A 8 15.66 -1.22 16.68
N PRO A 9 14.83 -0.21 16.35
CA PRO A 9 13.39 -0.36 16.62
C PRO A 9 12.88 -1.56 15.83
N GLU A 10 11.98 -2.33 16.42
CA GLU A 10 11.41 -3.47 15.73
C GLU A 10 9.95 -3.22 15.41
N TRP A 11 9.36 -4.12 14.62
CA TRP A 11 7.97 -3.97 14.20
C TRP A 11 7.34 -5.36 14.17
N PRO A 12 6.05 -5.49 14.55
CA PRO A 12 5.09 -4.47 15.01
C PRO A 12 5.43 -3.85 16.36
N GLN A 13 4.58 -2.92 16.79
CA GLN A 13 4.75 -2.23 18.06
C GLN A 13 3.38 -2.11 18.74
N HIS A 14 3.34 -2.37 20.05
CA HIS A 14 2.08 -2.30 20.78
C HIS A 14 2.30 -1.80 22.21
N SER A 15 1.19 -1.55 22.90
CA SER A 15 1.24 -1.08 24.29
C SER A 15 0.04 -1.65 25.02
N ASP A 16 -0.13 -1.27 26.29
CA ASP A 16 -1.25 -1.76 27.07
C ASP A 16 -2.56 -1.27 26.47
N ARG A 17 -2.49 -0.19 25.69
CA ARG A 17 -3.67 0.36 25.04
C ARG A 17 -4.17 -0.67 24.04
N THR A 18 -3.23 -1.33 23.37
CA THR A 18 -3.57 -2.36 22.38
C THR A 18 -4.30 -3.50 23.11
N ARG A 19 -3.76 -3.89 24.26
CA ARG A 19 -4.34 -4.97 25.05
C ARG A 19 -5.76 -4.62 25.50
N ARG A 20 -5.93 -3.39 25.97
CA ARG A 20 -7.24 -2.96 26.45
C ARG A 20 -8.30 -3.01 25.34
N LYS A 21 -7.90 -2.70 24.12
CA LYS A 21 -8.85 -2.75 23.01
C LYS A 21 -9.29 -4.20 22.80
N ILE A 22 -8.34 -5.14 22.89
CA ILE A 22 -8.67 -6.55 22.73
C ILE A 22 -9.63 -6.96 23.85
N GLU A 23 -9.34 -6.49 25.06
CA GLU A 23 -10.19 -6.81 26.21
C GLU A 23 -11.60 -6.27 26.01
N GLU A 24 -11.71 -5.14 25.32
CA GLU A 24 -13.02 -4.55 25.06
C GLU A 24 -13.81 -5.47 24.13
N VAL A 25 -13.14 -6.09 23.17
CA VAL A 25 -13.80 -6.99 22.25
C VAL A 25 -14.33 -8.18 23.03
N PHE A 26 -13.50 -8.73 23.90
CA PHE A 26 -13.91 -9.87 24.72
C PHE A 26 -15.10 -9.48 25.60
N GLN A 27 -15.05 -8.30 26.20
CA GLN A 27 -16.15 -7.85 27.06
C GLN A 27 -17.46 -7.71 26.28
N SER A 28 -17.38 -7.22 25.04
CA SER A 28 -18.57 -7.05 24.22
C SER A 28 -19.13 -8.40 23.75
N ASN A 29 -18.24 -9.39 23.70
CA ASN A 29 -18.56 -10.73 23.25
C ASN A 29 -19.07 -10.76 21.82
N ARG A 30 -18.68 -9.75 21.04
CA ARG A 30 -19.04 -9.66 19.63
C ARG A 30 -17.70 -9.70 18.92
N TRP A 31 -17.41 -10.81 18.24
CA TRP A 31 -16.14 -10.98 17.55
C TRP A 31 -16.17 -10.72 16.04
N ALA A 32 -17.35 -10.51 15.49
CA ALA A 32 -17.49 -10.25 14.06
C ALA A 32 -18.57 -9.20 13.81
N ILE A 33 -18.46 -8.46 12.71
CA ILE A 33 -19.46 -7.46 12.38
C ILE A 33 -20.75 -8.17 11.98
N SER A 34 -20.62 -9.43 11.59
CA SER A 34 -21.78 -10.24 11.20
C SER A 34 -22.43 -10.85 12.44
N GLY A 35 -21.81 -10.59 13.60
CA GLY A 35 -22.38 -11.07 14.84
C GLY A 35 -23.48 -10.08 15.19
N TYR A 36 -24.26 -10.35 16.24
CA TYR A 36 -25.32 -9.41 16.58
C TYR A 36 -24.89 -8.30 17.53
N TRP A 37 -25.70 -7.25 17.57
CA TRP A 37 -25.46 -6.09 18.41
C TRP A 37 -25.47 -6.49 19.89
N THR A 38 -24.47 -6.05 20.65
CA THR A 38 -24.42 -6.39 22.06
C THR A 38 -24.47 -5.14 22.96
N GLY A 39 -25.06 -4.06 22.45
CA GLY A 39 -25.18 -2.85 23.26
C GLY A 39 -24.51 -1.59 22.76
N GLU A 40 -23.29 -1.71 22.25
CA GLU A 40 -22.55 -0.55 21.76
C GLU A 40 -22.02 -0.78 20.35
N GLU A 41 -21.51 0.29 19.74
CA GLU A 41 -21.00 0.19 18.38
C GLU A 41 -19.83 -0.77 18.23
N SER A 42 -19.75 -1.38 17.06
CA SER A 42 -18.70 -2.32 16.73
C SER A 42 -17.36 -1.62 16.59
N MET A 43 -16.27 -2.39 16.70
CA MET A 43 -14.94 -1.83 16.53
C MET A 43 -14.78 -1.44 15.07
N GLU A 44 -15.42 -2.19 14.18
CA GLU A 44 -15.32 -1.91 12.75
C GLU A 44 -15.79 -0.50 12.39
N ARG A 45 -16.98 -0.14 12.86
CA ARG A 45 -17.55 1.17 12.58
C ARG A 45 -16.74 2.26 13.27
N LYS A 46 -16.26 1.98 14.48
CA LYS A 46 -15.46 2.95 15.20
C LYS A 46 -14.17 3.21 14.44
N PHE A 47 -13.54 2.15 13.93
CA PHE A 47 -12.32 2.33 13.18
C PHE A 47 -12.60 3.03 11.86
N ALA A 48 -13.65 2.60 11.17
CA ALA A 48 -14.02 3.18 9.89
C ALA A 48 -14.24 4.68 10.00
N LYS A 49 -14.93 5.09 11.06
CA LYS A 49 -15.21 6.50 11.30
C LYS A 49 -13.89 7.24 11.55
N ALA A 50 -13.06 6.68 12.42
CA ALA A 50 -11.78 7.29 12.76
C ALA A 50 -10.87 7.40 11.55
N PHE A 51 -10.80 6.35 10.73
CA PHE A 51 -9.94 6.39 9.56
C PHE A 51 -10.49 7.37 8.53
N ALA A 52 -11.82 7.49 8.47
CA ALA A 52 -12.44 8.42 7.52
C ALA A 52 -12.02 9.86 7.86
N ASP A 53 -12.05 10.18 9.15
CA ASP A 53 -11.66 11.53 9.58
C ASP A 53 -10.17 11.73 9.30
N PHE A 54 -9.37 10.69 9.58
CA PHE A 54 -7.94 10.75 9.35
C PHE A 54 -7.65 11.07 7.88
N ASN A 55 -8.34 10.39 6.97
CA ASN A 55 -8.14 10.59 5.55
C ASN A 55 -8.95 11.73 4.94
N GLY A 56 -9.80 12.36 5.76
CA GLY A 56 -10.61 13.44 5.23
C GLY A 56 -11.43 12.94 4.06
N VAL A 57 -11.90 11.69 4.18
CA VAL A 57 -12.71 11.07 3.13
C VAL A 57 -14.07 10.70 3.72
N PRO A 58 -15.15 10.87 2.93
CA PRO A 58 -16.49 10.56 3.41
C PRO A 58 -16.78 9.11 3.81
N TYR A 59 -16.31 8.16 3.03
CA TYR A 59 -16.62 6.76 3.32
C TYR A 59 -15.44 5.82 3.48
N CYS A 60 -15.56 4.92 4.46
CA CYS A 60 -14.53 3.94 4.74
C CYS A 60 -15.12 2.58 5.09
N VAL A 61 -14.66 1.54 4.41
CA VAL A 61 -15.13 0.19 4.66
C VAL A 61 -13.93 -0.72 4.90
N PRO A 62 -13.76 -1.19 6.14
CA PRO A 62 -12.63 -2.08 6.45
C PRO A 62 -12.87 -3.44 5.81
N THR A 63 -11.80 -4.13 5.47
CA THR A 63 -11.92 -5.47 4.90
C THR A 63 -10.76 -6.36 5.37
N THR A 64 -10.59 -7.51 4.75
CA THR A 64 -9.57 -8.49 5.18
C THR A 64 -8.11 -8.30 4.84
N SER A 65 -7.80 -7.67 3.71
CA SER A 65 -6.42 -7.49 3.31
C SER A 65 -6.31 -6.43 2.23
N GLY A 66 -5.08 -5.99 1.96
CA GLY A 66 -4.86 -5.00 0.93
C GLY A 66 -5.20 -5.59 -0.42
N SER A 67 -4.89 -6.86 -0.58
CA SER A 67 -5.16 -7.57 -1.83
C SER A 67 -6.66 -7.60 -2.11
N THR A 68 -7.44 -7.95 -1.10
CA THR A 68 -8.89 -8.01 -1.25
C THR A 68 -9.47 -6.60 -1.42
N ALA A 69 -8.86 -5.61 -0.77
CA ALA A 69 -9.34 -4.23 -0.89
C ALA A 69 -9.23 -3.80 -2.35
N LEU A 70 -8.09 -4.12 -2.97
CA LEU A 70 -7.88 -3.77 -4.38
C LEU A 70 -8.92 -4.48 -5.26
N MET A 71 -9.12 -5.77 -5.00
CA MET A 71 -10.07 -6.56 -5.79
C MET A 71 -11.50 -6.01 -5.70
N LEU A 72 -11.98 -5.75 -4.49
CA LEU A 72 -13.33 -5.23 -4.32
C LEU A 72 -13.48 -3.85 -4.97
N ALA A 73 -12.41 -3.06 -4.94
CA ALA A 73 -12.45 -1.72 -5.55
C ALA A 73 -12.76 -1.88 -7.03
N LEU A 74 -12.10 -2.84 -7.67
CA LEU A 74 -12.30 -3.10 -9.08
C LEU A 74 -13.73 -3.60 -9.33
N GLU A 75 -14.20 -4.51 -8.49
CA GLU A 75 -15.55 -5.03 -8.65
C GLU A 75 -16.59 -3.91 -8.54
N ALA A 76 -16.39 -3.04 -7.56
CA ALA A 76 -17.30 -1.93 -7.32
C ALA A 76 -17.41 -1.01 -8.53
N LEU A 77 -16.32 -0.92 -9.29
CA LEU A 77 -16.30 -0.06 -10.47
C LEU A 77 -16.85 -0.76 -11.71
N GLY A 78 -17.32 -2.00 -11.55
CA GLY A 78 -17.88 -2.73 -12.67
C GLY A 78 -16.88 -3.33 -13.64
N ILE A 79 -15.63 -3.45 -13.21
CA ILE A 79 -14.60 -4.02 -14.07
C ILE A 79 -14.72 -5.54 -14.16
N GLY A 80 -14.50 -6.07 -15.36
CA GLY A 80 -14.60 -7.51 -15.56
C GLY A 80 -13.97 -7.98 -16.85
N GLU A 81 -14.42 -9.14 -17.34
CA GLU A 81 -13.91 -9.73 -18.57
C GLU A 81 -13.90 -8.74 -19.73
N GLY A 82 -12.82 -8.75 -20.50
CA GLY A 82 -12.70 -7.85 -21.64
C GLY A 82 -12.10 -6.50 -21.29
N ASP A 83 -11.88 -6.25 -20.00
CA ASP A 83 -11.32 -4.97 -19.58
C ASP A 83 -9.82 -5.03 -19.36
N GLU A 84 -9.19 -3.85 -19.44
CA GLU A 84 -7.76 -3.70 -19.21
C GLU A 84 -7.58 -2.68 -18.09
N VAL A 85 -6.62 -2.96 -17.22
CA VAL A 85 -6.33 -2.07 -16.10
C VAL A 85 -4.82 -1.81 -16.09
N ILE A 86 -4.46 -0.53 -16.15
CA ILE A 86 -3.05 -0.14 -16.16
C ILE A 86 -2.46 -0.07 -14.75
N VAL A 87 -1.35 -0.78 -14.55
CA VAL A 87 -0.67 -0.81 -13.27
C VAL A 87 0.84 -0.72 -13.48
N PRO A 88 1.58 -0.24 -12.47
CA PRO A 88 3.04 -0.12 -12.59
C PRO A 88 3.70 -1.49 -12.53
N SER A 89 4.85 -1.63 -13.18
CA SER A 89 5.57 -2.89 -13.17
C SER A 89 6.27 -3.13 -11.83
N LEU A 90 6.66 -2.06 -11.16
CA LEU A 90 7.33 -2.19 -9.87
C LEU A 90 6.33 -1.97 -8.73
N THR A 91 5.94 -3.07 -8.08
CA THR A 91 4.99 -3.06 -6.97
C THR A 91 4.82 -4.50 -6.48
N TRP A 92 4.02 -4.72 -5.44
CA TRP A 92 3.76 -6.07 -4.95
C TRP A 92 2.87 -6.68 -6.03
N ILE A 93 2.99 -7.99 -6.24
CA ILE A 93 2.21 -8.65 -7.28
C ILE A 93 0.69 -8.52 -7.12
N ALA A 94 0.23 -8.32 -5.89
CA ALA A 94 -1.21 -8.18 -5.64
C ALA A 94 -1.84 -7.08 -6.51
N THR A 95 -1.10 -6.00 -6.76
CA THR A 95 -1.62 -4.91 -7.57
C THR A 95 -2.08 -5.43 -8.93
N ALA A 96 -1.40 -6.45 -9.44
CA ALA A 96 -1.75 -7.03 -10.73
C ALA A 96 -2.68 -8.23 -10.62
N THR A 97 -2.46 -9.09 -9.63
CA THR A 97 -3.29 -10.27 -9.48
C THR A 97 -4.73 -9.93 -9.07
N ALA A 98 -4.93 -8.77 -8.47
CA ALA A 98 -6.27 -8.34 -8.08
C ALA A 98 -7.07 -8.10 -9.36
N VAL A 99 -6.38 -7.61 -10.40
CA VAL A 99 -7.02 -7.37 -11.69
C VAL A 99 -7.41 -8.70 -12.30
N LEU A 100 -6.46 -9.64 -12.33
CA LEU A 100 -6.73 -10.97 -12.87
C LEU A 100 -7.85 -11.65 -12.09
N ASN A 101 -7.98 -11.32 -10.81
CA ASN A 101 -9.01 -11.92 -9.97
C ASN A 101 -10.42 -11.52 -10.40
N VAL A 102 -10.56 -10.40 -11.11
CA VAL A 102 -11.87 -9.98 -11.56
C VAL A 102 -12.02 -10.27 -13.05
N ASN A 103 -11.13 -11.10 -13.59
CA ASN A 103 -11.17 -11.49 -14.99
C ASN A 103 -10.73 -10.40 -15.98
N ALA A 104 -10.03 -9.39 -15.48
CA ALA A 104 -9.54 -8.32 -16.33
C ALA A 104 -8.05 -8.53 -16.59
N LEU A 105 -7.51 -7.81 -17.56
CA LEU A 105 -6.09 -7.94 -17.90
C LEU A 105 -5.25 -6.78 -17.40
N PRO A 106 -4.27 -7.05 -16.52
CA PRO A 106 -3.43 -5.96 -16.03
C PRO A 106 -2.44 -5.60 -17.13
N VAL A 107 -2.25 -4.30 -17.36
CA VAL A 107 -1.34 -3.81 -18.39
C VAL A 107 -0.24 -3.01 -17.70
N PHE A 108 0.98 -3.54 -17.76
CA PHE A 108 2.11 -2.89 -17.11
C PHE A 108 2.68 -1.66 -17.79
N VAL A 109 3.15 -0.73 -16.97
CA VAL A 109 3.78 0.50 -17.42
C VAL A 109 4.98 0.67 -16.51
N ASP A 110 6.12 1.08 -17.06
CA ASP A 110 7.34 1.27 -16.27
C ASP A 110 7.17 2.43 -15.28
N VAL A 111 8.09 2.52 -14.32
CA VAL A 111 8.04 3.58 -13.31
C VAL A 111 9.11 4.64 -13.56
N GLU A 112 9.00 5.77 -12.86
CA GLU A 112 9.95 6.87 -13.00
C GLU A 112 11.25 6.54 -12.27
N ALA A 113 12.38 6.89 -12.89
CA ALA A 113 13.69 6.62 -12.31
C ALA A 113 13.91 7.21 -10.92
N ASP A 114 13.33 8.38 -10.65
CA ASP A 114 13.54 9.00 -9.34
C ASP A 114 12.40 8.96 -8.33
N THR A 115 11.36 8.17 -8.61
CA THR A 115 10.24 8.05 -7.67
C THR A 115 9.79 6.60 -7.56
N TYR A 116 10.12 5.81 -8.59
CA TYR A 116 9.74 4.41 -8.66
C TYR A 116 8.23 4.23 -8.68
N CYS A 117 7.53 5.30 -9.04
CA CYS A 117 6.08 5.27 -9.16
C CYS A 117 5.74 5.32 -10.66
N ILE A 118 4.56 4.82 -11.01
CA ILE A 118 4.15 4.76 -12.40
C ILE A 118 4.43 6.04 -13.20
N ASP A 119 5.12 5.88 -14.32
CA ASP A 119 5.48 7.02 -15.17
C ASP A 119 4.25 7.52 -15.94
N PRO A 120 3.75 8.72 -15.61
CA PRO A 120 2.57 9.27 -16.28
C PRO A 120 2.74 9.35 -17.80
N GLN A 121 3.94 9.73 -18.22
CA GLN A 121 4.23 9.89 -19.64
C GLN A 121 4.29 8.58 -20.42
N LEU A 122 4.10 7.46 -19.73
CA LEU A 122 4.13 6.15 -20.39
C LEU A 122 2.74 5.50 -20.36
N ILE A 123 1.85 6.07 -19.57
CA ILE A 123 0.49 5.55 -19.45
C ILE A 123 -0.33 5.72 -20.73
N LYS A 124 -0.26 6.91 -21.33
CA LYS A 124 -1.00 7.20 -22.55
C LYS A 124 -0.78 6.16 -23.63
N SER A 125 0.47 5.79 -23.86
CA SER A 125 0.79 4.79 -24.87
C SER A 125 0.22 3.41 -24.57
N ALA A 126 -0.11 3.16 -23.31
CA ALA A 126 -0.64 1.86 -22.91
C ALA A 126 -2.16 1.79 -22.95
N ILE A 127 -2.81 2.93 -23.16
CA ILE A 127 -4.26 2.98 -23.21
C ILE A 127 -4.79 2.40 -24.53
N THR A 128 -5.84 1.59 -24.45
CA THR A 128 -6.47 1.00 -25.62
C THR A 128 -7.97 1.18 -25.40
N ASP A 129 -8.79 0.66 -26.32
CA ASP A 129 -10.23 0.78 -26.18
C ASP A 129 -10.74 -0.05 -25.02
N LYS A 130 -9.91 -0.99 -24.55
CA LYS A 130 -10.29 -1.86 -23.45
C LYS A 130 -9.95 -1.28 -22.07
N THR A 131 -9.07 -0.29 -22.05
CA THR A 131 -8.66 0.30 -20.78
C THR A 131 -9.83 0.91 -20.02
N LYS A 132 -10.00 0.53 -18.76
CA LYS A 132 -11.08 1.04 -17.95
C LYS A 132 -10.60 1.75 -16.68
N ALA A 133 -9.37 1.47 -16.26
CA ALA A 133 -8.86 2.09 -15.05
C ALA A 133 -7.35 2.02 -14.89
N ILE A 134 -6.86 2.82 -13.95
CA ILE A 134 -5.43 2.86 -13.63
C ILE A 134 -5.28 2.66 -12.13
N ILE A 135 -4.27 1.90 -11.73
CA ILE A 135 -4.01 1.69 -10.31
C ILE A 135 -2.62 2.20 -9.96
N PRO A 136 -2.51 3.51 -9.70
CA PRO A 136 -1.19 4.04 -9.35
C PRO A 136 -0.82 3.52 -7.97
N VAL A 137 0.46 3.32 -7.74
CA VAL A 137 0.92 2.85 -6.45
C VAL A 137 1.89 3.86 -5.83
N HIS A 138 1.61 4.28 -4.61
CA HIS A 138 2.47 5.22 -3.89
C HIS A 138 3.49 4.30 -3.21
N LEU A 139 4.48 3.91 -4.00
CA LEU A 139 5.52 2.97 -3.57
C LEU A 139 6.59 3.45 -2.60
N PHE A 140 6.85 2.62 -1.59
CA PHE A 140 7.87 2.87 -0.56
C PHE A 140 7.73 4.18 0.21
N GLY A 141 8.32 5.25 -0.33
CA GLY A 141 8.26 6.53 0.34
C GLY A 141 8.03 7.66 -0.64
N SER A 142 7.26 7.37 -1.69
CA SER A 142 6.96 8.36 -2.71
C SER A 142 5.49 8.25 -3.10
N MET A 143 5.02 9.21 -3.89
CA MET A 143 3.65 9.22 -4.37
C MET A 143 3.63 9.32 -5.88
N ALA A 144 2.68 8.63 -6.50
CA ALA A 144 2.54 8.70 -7.94
C ALA A 144 2.06 10.12 -8.22
N ASN A 145 2.40 10.67 -9.38
CA ASN A 145 1.99 12.03 -9.73
C ASN A 145 0.49 12.08 -10.01
N MET A 146 -0.30 12.38 -8.99
CA MET A 146 -1.75 12.42 -9.14
C MET A 146 -2.28 13.56 -10.01
N ASP A 147 -1.49 14.62 -10.18
CA ASP A 147 -1.90 15.72 -11.04
C ASP A 147 -2.01 15.17 -12.45
N GLU A 148 -0.92 14.56 -12.91
CA GLU A 148 -0.84 13.99 -14.25
C GLU A 148 -1.83 12.83 -14.44
N ILE A 149 -1.84 11.92 -13.47
CA ILE A 149 -2.72 10.77 -13.55
C ILE A 149 -4.20 11.15 -13.61
N ASN A 150 -4.63 12.10 -12.80
CA ASN A 150 -6.03 12.52 -12.81
C ASN A 150 -6.36 13.17 -14.15
N GLU A 151 -5.40 13.89 -14.73
CA GLU A 151 -5.63 14.54 -16.00
C GLU A 151 -5.84 13.50 -17.09
N ILE A 152 -4.99 12.48 -17.10
CA ILE A 152 -5.10 11.42 -18.09
C ILE A 152 -6.41 10.66 -17.91
N ALA A 153 -6.75 10.35 -16.67
CA ALA A 153 -7.98 9.62 -16.37
C ALA A 153 -9.20 10.39 -16.84
N GLN A 154 -9.23 11.69 -16.56
CA GLN A 154 -10.34 12.54 -16.95
C GLN A 154 -10.49 12.59 -18.47
N GLU A 155 -9.38 12.81 -19.17
CA GLU A 155 -9.43 12.87 -20.62
C GLU A 155 -9.79 11.56 -21.30
N HIS A 156 -9.39 10.43 -20.72
CA HIS A 156 -9.68 9.14 -21.32
C HIS A 156 -10.83 8.38 -20.66
N ASN A 157 -11.57 9.08 -19.79
CA ASN A 157 -12.70 8.49 -19.10
C ASN A 157 -12.30 7.20 -18.39
N LEU A 158 -11.25 7.27 -17.57
CA LEU A 158 -10.78 6.10 -16.85
C LEU A 158 -10.92 6.28 -15.34
N PHE A 159 -11.22 5.19 -14.64
CA PHE A 159 -11.33 5.23 -13.19
C PHE A 159 -9.92 5.20 -12.63
N VAL A 160 -9.76 5.60 -11.37
CA VAL A 160 -8.45 5.59 -10.72
C VAL A 160 -8.55 4.94 -9.35
N ILE A 161 -7.74 3.91 -9.13
CA ILE A 161 -7.72 3.22 -7.84
C ILE A 161 -6.33 3.39 -7.26
N GLU A 162 -6.23 4.08 -6.13
CA GLU A 162 -4.94 4.29 -5.48
C GLU A 162 -4.55 3.14 -4.58
N ASP A 163 -3.43 2.51 -4.86
CA ASP A 163 -2.94 1.42 -4.02
C ASP A 163 -2.09 2.14 -2.96
N CYS A 164 -2.67 2.35 -1.78
CA CYS A 164 -2.02 3.06 -0.69
C CYS A 164 -1.42 2.18 0.40
N ALA A 165 -1.25 0.89 0.12
CA ALA A 165 -0.71 -0.02 1.12
C ALA A 165 0.62 0.42 1.74
N GLN A 166 1.39 1.24 1.02
CA GLN A 166 2.68 1.69 1.53
C GLN A 166 2.71 3.19 1.78
N SER A 167 1.54 3.80 1.96
CA SER A 167 1.51 5.25 2.14
C SER A 167 0.37 5.79 3.01
N HIS A 168 -0.03 5.05 4.05
CA HIS A 168 -1.10 5.52 4.92
C HIS A 168 -0.77 6.91 5.45
N GLY A 169 -1.59 7.89 5.13
CA GLY A 169 -1.36 9.24 5.64
C GLY A 169 -0.61 10.23 4.75
N SER A 170 -0.08 9.79 3.62
CA SER A 170 0.65 10.71 2.74
C SER A 170 -0.33 11.76 2.23
N VAL A 171 0.19 12.93 1.88
CA VAL A 171 -0.66 14.03 1.41
C VAL A 171 -0.16 14.71 0.14
N TRP A 172 -1.02 14.72 -0.86
CA TRP A 172 -0.74 15.35 -2.15
C TRP A 172 -1.73 16.50 -2.34
N ASN A 173 -1.22 17.72 -2.38
CA ASN A 173 -2.06 18.91 -2.53
C ASN A 173 -3.21 18.90 -1.54
N ASN A 174 -2.86 18.74 -0.27
CA ASN A 174 -3.82 18.73 0.83
C ASN A 174 -4.88 17.64 0.81
N GLN A 175 -4.59 16.52 0.16
CA GLN A 175 -5.52 15.39 0.12
C GLN A 175 -4.73 14.14 0.48
N ARG A 176 -5.24 13.38 1.44
CA ARG A 176 -4.60 12.15 1.88
C ARG A 176 -4.67 11.10 0.77
N ALA A 177 -3.59 10.34 0.62
CA ALA A 177 -3.54 9.29 -0.38
C ALA A 177 -4.75 8.36 -0.20
N GLY A 178 -5.42 8.05 -1.30
CA GLY A 178 -6.58 7.18 -1.25
C GLY A 178 -7.87 7.93 -1.46
N THR A 179 -7.86 9.22 -1.11
CA THR A 179 -9.03 10.08 -1.23
C THR A 179 -9.04 10.78 -2.59
N ILE A 180 -7.91 10.72 -3.29
CA ILE A 180 -7.74 11.37 -4.58
C ILE A 180 -8.38 10.64 -5.75
N GLY A 181 -8.22 9.32 -5.81
CA GLY A 181 -8.80 8.55 -6.88
C GLY A 181 -10.26 8.23 -6.57
N ASP A 182 -10.90 7.41 -7.41
CA ASP A 182 -12.28 7.04 -7.19
C ASP A 182 -12.43 6.18 -5.95
N ILE A 183 -11.47 5.29 -5.73
CA ILE A 183 -11.47 4.40 -4.58
C ILE A 183 -10.04 4.20 -4.10
N GLY A 184 -9.84 4.23 -2.78
CA GLY A 184 -8.51 4.03 -2.23
C GLY A 184 -8.45 2.67 -1.56
N ALA A 185 -7.34 1.96 -1.72
CA ALA A 185 -7.17 0.65 -1.11
C ALA A 185 -5.92 0.63 -0.23
N PHE A 186 -6.03 0.01 0.94
CA PHE A 186 -4.91 -0.07 1.87
C PHE A 186 -4.73 -1.48 2.41
N SER A 187 -3.49 -1.79 2.79
CA SER A 187 -3.16 -3.07 3.39
C SER A 187 -2.77 -2.78 4.84
N CYS A 188 -3.10 -3.71 5.73
CA CYS A 188 -2.73 -3.58 7.13
C CYS A 188 -1.97 -4.83 7.56
N GLN A 189 -1.27 -5.42 6.59
CA GLN A 189 -0.44 -6.61 6.83
C GLN A 189 0.65 -6.17 7.81
N GLN A 190 1.20 -7.12 8.56
CA GLN A 190 2.22 -6.84 9.57
C GLN A 190 3.27 -5.77 9.26
N GLY A 191 3.89 -5.84 8.09
CA GLY A 191 4.93 -4.88 7.76
C GLY A 191 4.54 -3.43 7.49
N LYS A 192 3.27 -3.19 7.17
CA LYS A 192 2.80 -1.84 6.86
C LYS A 192 2.78 -0.92 8.09
N VAL A 193 2.70 0.40 7.88
CA VAL A 193 2.71 1.34 9.02
C VAL A 193 1.48 1.30 9.92
N LEU A 194 0.37 0.79 9.41
CA LEU A 194 -0.87 0.65 10.19
C LEU A 194 -1.22 -0.82 10.03
N THR A 195 -1.08 -1.60 11.10
CA THR A 195 -1.31 -3.03 10.99
C THR A 195 -1.99 -3.71 12.17
N ALA A 196 -2.56 -4.87 11.88
CA ALA A 196 -3.21 -5.73 12.85
C ALA A 196 -2.83 -7.16 12.45
N GLY A 197 -1.65 -7.29 11.84
CA GLY A 197 -1.20 -8.60 11.39
C GLY A 197 -1.68 -8.81 9.97
N GLU A 198 -2.99 -8.77 9.80
CA GLU A 198 -3.64 -8.90 8.49
C GLU A 198 -4.76 -7.85 8.54
N GLY A 199 -5.15 -7.34 7.39
CA GLY A 199 -6.21 -6.36 7.38
C GLY A 199 -6.19 -5.51 6.13
N GLY A 200 -7.32 -4.90 5.81
CA GLY A 200 -7.42 -4.06 4.65
C GLY A 200 -8.39 -2.92 4.88
N ILE A 201 -8.29 -1.88 4.04
CA ILE A 201 -9.16 -0.73 4.15
C ILE A 201 -9.51 -0.24 2.76
N ILE A 202 -10.76 0.19 2.59
CA ILE A 202 -11.23 0.72 1.34
C ILE A 202 -11.89 2.07 1.67
N VAL A 203 -11.57 3.10 0.89
CA VAL A 203 -12.17 4.41 1.11
C VAL A 203 -12.66 4.97 -0.22
N THR A 204 -13.67 5.83 -0.17
CA THR A 204 -14.21 6.44 -1.38
C THR A 204 -15.01 7.69 -1.03
N LYS A 205 -15.19 8.57 -2.01
CA LYS A 205 -15.93 9.80 -1.79
C LYS A 205 -17.37 9.65 -2.29
N ASN A 206 -17.61 8.63 -3.10
CA ASN A 206 -18.93 8.39 -3.67
C ASN A 206 -19.87 7.52 -2.81
N PRO A 207 -21.07 8.04 -2.50
CA PRO A 207 -22.07 7.35 -1.68
C PRO A 207 -22.52 6.00 -2.27
N ARG A 208 -22.72 5.96 -3.57
CA ARG A 208 -23.14 4.73 -4.24
C ARG A 208 -22.07 3.67 -4.10
N LEU A 209 -20.83 4.03 -4.41
CA LEU A 209 -19.72 3.07 -4.30
C LEU A 209 -19.62 2.58 -2.85
N PHE A 210 -19.91 3.46 -1.90
CA PHE A 210 -19.86 3.10 -0.48
C PHE A 210 -20.81 1.94 -0.19
N GLU A 211 -22.02 2.01 -0.73
CA GLU A 211 -22.99 0.95 -0.52
C GLU A 211 -22.55 -0.32 -1.24
N LEU A 212 -22.05 -0.17 -2.45
CA LEU A 212 -21.60 -1.31 -3.23
C LEU A 212 -20.47 -2.04 -2.51
N ILE A 213 -19.49 -1.28 -2.03
CA ILE A 213 -18.35 -1.85 -1.32
C ILE A 213 -18.78 -2.62 -0.07
N GLN A 214 -19.75 -2.09 0.66
CA GLN A 214 -20.26 -2.78 1.85
C GLN A 214 -20.79 -4.16 1.45
N GLN A 215 -21.64 -4.17 0.43
CA GLN A 215 -22.24 -5.40 -0.05
C GLN A 215 -21.19 -6.37 -0.58
N LEU A 216 -20.20 -5.85 -1.27
CA LEU A 216 -19.15 -6.67 -1.84
C LEU A 216 -18.37 -7.44 -0.78
N ARG A 217 -18.28 -6.90 0.44
CA ARG A 217 -17.52 -7.55 1.50
C ARG A 217 -18.38 -8.22 2.58
N ALA A 218 -19.70 -8.09 2.48
CA ALA A 218 -20.58 -8.70 3.48
C ALA A 218 -21.71 -9.53 2.87
N ASP A 219 -21.39 -10.34 1.87
CA ASP A 219 -22.38 -11.18 1.21
C ASP A 219 -23.64 -10.43 0.77
N SER A 220 -23.45 -9.29 0.11
CA SER A 220 -24.54 -8.48 -0.41
C SER A 220 -25.38 -7.74 0.64
N ARG A 221 -24.78 -7.46 1.80
CA ARG A 221 -25.49 -6.76 2.87
C ARG A 221 -24.92 -5.36 3.13
N VAL A 222 -25.69 -4.54 3.85
CA VAL A 222 -25.26 -3.18 4.22
C VAL A 222 -25.65 -2.96 5.68
N TYR A 223 -25.17 -1.87 6.27
CA TYR A 223 -25.52 -1.56 7.66
C TYR A 223 -27.01 -1.25 7.74
N CYS A 224 -27.61 -1.50 8.89
CA CYS A 224 -29.02 -1.20 9.08
C CYS A 224 -29.22 0.30 8.97
N ASP A 225 -30.47 0.73 8.80
CA ASP A 225 -30.79 2.15 8.67
C ASP A 225 -30.26 3.01 9.80
N ASP A 226 -30.48 2.57 11.04
CA ASP A 226 -30.04 3.34 12.20
C ASP A 226 -29.61 2.41 13.34
N SER A 227 -28.31 2.37 13.59
CA SER A 227 -27.75 1.53 14.64
C SER A 227 -28.18 1.91 16.06
N SER A 228 -28.68 3.13 16.23
CA SER A 228 -29.11 3.59 17.55
C SER A 228 -30.43 2.94 17.96
N GLU A 229 -31.12 2.34 17.00
CA GLU A 229 -32.40 1.69 17.26
C GLU A 229 -32.23 0.20 17.60
N LEU A 230 -31.06 -0.35 17.26
CA LEU A 230 -30.77 -1.76 17.52
C LEU A 230 -30.82 -2.12 19.00
N MET A 231 -31.36 -3.29 19.29
CA MET A 231 -31.43 -3.80 20.66
C MET A 231 -30.47 -4.97 20.74
N HIS A 232 -30.02 -5.30 21.95
CA HIS A 232 -29.10 -6.42 22.14
C HIS A 232 -29.69 -7.67 21.49
N GLY A 233 -28.96 -8.24 20.53
CA GLY A 233 -29.44 -9.42 19.85
C GLY A 233 -29.84 -9.20 18.41
N ASP A 234 -30.05 -7.93 18.03
CA ASP A 234 -30.42 -7.63 16.65
C ASP A 234 -29.18 -7.64 15.76
N MET A 235 -29.39 -7.90 14.47
CA MET A 235 -28.30 -7.91 13.51
C MET A 235 -28.08 -6.47 13.03
N GLN A 236 -26.82 -6.08 12.87
CA GLN A 236 -26.50 -4.74 12.41
C GLN A 236 -26.41 -4.72 10.89
N LEU A 237 -26.11 -5.87 10.30
CA LEU A 237 -26.03 -6.00 8.85
C LEU A 237 -27.39 -6.48 8.34
N VAL A 238 -27.86 -5.87 7.26
CA VAL A 238 -29.15 -6.25 6.69
C VAL A 238 -29.02 -6.49 5.18
N LYS A 239 -29.95 -7.26 4.64
CA LYS A 239 -29.94 -7.58 3.21
C LYS A 239 -30.09 -6.33 2.35
N LYS A 240 -29.52 -6.40 1.15
CA LYS A 240 -29.61 -5.29 0.20
C LYS A 240 -29.80 -5.91 -1.18
N GLY A 241 -28.79 -6.66 -1.61
CA GLY A 241 -28.87 -7.32 -2.90
C GLY A 241 -28.74 -6.50 -4.17
N ASP A 242 -28.15 -5.32 -4.09
CA ASP A 242 -27.98 -4.51 -5.30
C ASP A 242 -26.77 -5.04 -6.06
N ILE A 243 -25.82 -5.62 -5.35
CA ILE A 243 -24.64 -6.19 -5.97
C ILE A 243 -24.17 -7.41 -5.18
N GLN A 244 -23.77 -8.45 -5.91
CA GLN A 244 -23.32 -9.70 -5.29
C GLN A 244 -21.99 -9.56 -4.56
N GLY A 245 -21.98 -9.93 -3.29
CA GLY A 245 -20.75 -9.87 -2.53
C GLY A 245 -20.42 -11.23 -1.91
N SER A 246 -19.26 -11.31 -1.25
CA SER A 246 -18.82 -12.52 -0.58
C SER A 246 -18.43 -12.06 0.82
N ASN A 247 -17.98 -12.97 1.66
CA ASN A 247 -17.59 -12.59 3.01
C ASN A 247 -16.13 -12.13 3.10
N TYR A 248 -15.95 -10.82 3.25
CA TYR A 248 -14.62 -10.24 3.40
C TYR A 248 -14.66 -9.26 4.57
N CYS A 249 -15.32 -9.68 5.64
CA CYS A 249 -15.46 -8.88 6.85
C CYS A 249 -14.21 -9.05 7.71
N LEU A 250 -13.76 -7.94 8.32
CA LEU A 250 -12.61 -7.96 9.20
C LEU A 250 -13.09 -8.33 10.60
N SER A 251 -12.35 -9.20 11.29
CA SER A 251 -12.76 -9.59 12.65
C SER A 251 -12.67 -8.39 13.58
N GLU A 252 -13.49 -8.39 14.63
CA GLU A 252 -13.49 -7.30 15.59
C GLU A 252 -12.16 -7.14 16.30
N PHE A 253 -11.45 -8.25 16.49
CA PHE A 253 -10.15 -8.21 17.14
C PHE A 253 -9.18 -7.34 16.34
N GLN A 254 -9.21 -7.48 15.02
CA GLN A 254 -8.32 -6.71 14.16
C GLN A 254 -8.73 -5.24 14.07
N SER A 255 -10.03 -4.97 13.94
CA SER A 255 -10.51 -3.59 13.87
C SER A 255 -10.12 -2.86 15.17
N ALA A 256 -10.10 -3.60 16.27
CA ALA A 256 -9.75 -3.02 17.57
C ALA A 256 -8.27 -2.64 17.62
N ILE A 257 -7.43 -3.50 17.05
CA ILE A 257 -6.01 -3.22 17.04
C ILE A 257 -5.72 -2.05 16.10
N LEU A 258 -6.45 -1.99 14.99
CA LEU A 258 -6.24 -0.91 14.04
C LEU A 258 -6.66 0.42 14.66
N LEU A 259 -7.72 0.38 15.47
CA LEU A 259 -8.21 1.58 16.12
C LEU A 259 -7.11 2.10 17.05
N ASP A 260 -6.49 1.18 17.78
CA ASP A 260 -5.40 1.53 18.69
C ASP A 260 -4.22 2.11 17.92
N GLN A 261 -3.76 1.38 16.91
CA GLN A 261 -2.62 1.80 16.09
C GLN A 261 -2.85 3.12 15.35
N LEU A 262 -4.09 3.39 14.99
CA LEU A 262 -4.40 4.62 14.28
C LEU A 262 -4.16 5.85 15.17
N GLN A 263 -4.33 5.68 16.48
CA GLN A 263 -4.15 6.76 17.46
C GLN A 263 -2.78 7.42 17.37
N GLU A 264 -1.77 6.64 17.06
CA GLU A 264 -0.40 7.17 16.98
C GLU A 264 0.19 7.16 15.59
N LEU A 265 -0.63 6.85 14.58
CA LEU A 265 -0.14 6.78 13.22
C LEU A 265 0.45 8.08 12.67
N ASP A 266 -0.28 9.18 12.82
CA ASP A 266 0.21 10.44 12.30
C ASP A 266 1.50 10.91 12.95
N ASP A 267 1.61 10.73 14.27
CA ASP A 267 2.82 11.15 14.97
C ASP A 267 4.01 10.28 14.59
N LYS A 268 3.82 8.96 14.55
CA LYS A 268 4.92 8.08 14.16
C LYS A 268 5.34 8.37 12.72
N ASN A 269 4.36 8.65 11.86
CA ASN A 269 4.69 8.97 10.48
C ASN A 269 5.55 10.24 10.47
N ALA A 270 5.19 11.21 11.30
CA ALA A 270 5.95 12.46 11.40
C ALA A 270 7.40 12.18 11.78
N ILE A 271 7.59 11.24 12.72
CA ILE A 271 8.93 10.88 13.16
C ILE A 271 9.70 10.22 12.03
N ARG A 272 9.07 9.28 11.34
CA ARG A 272 9.71 8.59 10.21
C ARG A 272 10.12 9.62 9.15
N GLU A 273 9.19 10.51 8.82
CA GLU A 273 9.43 11.53 7.80
C GLU A 273 10.59 12.46 8.19
N LYS A 274 10.62 12.87 9.45
CA LYS A 274 11.68 13.73 9.94
C LYS A 274 13.04 13.05 9.74
N ASN A 275 13.11 11.78 10.12
CA ASN A 275 14.34 11.02 9.98
C ASN A 275 14.69 10.77 8.52
N ALA A 276 13.67 10.58 7.69
CA ALA A 276 13.90 10.34 6.27
C ALA A 276 14.57 11.56 5.64
N MET A 277 14.08 12.76 5.99
CA MET A 277 14.64 14.00 5.45
C MET A 277 16.09 14.15 5.92
N PHE A 278 16.35 13.79 7.16
CA PHE A 278 17.69 13.84 7.72
C PHE A 278 18.61 12.97 6.85
N LEU A 279 18.13 11.77 6.53
CA LEU A 279 18.91 10.85 5.70
C LEU A 279 19.12 11.43 4.30
N ASN A 280 18.08 12.06 3.75
CA ASN A 280 18.17 12.66 2.42
C ASN A 280 19.28 13.72 2.43
N ASP A 281 19.28 14.57 3.46
CA ASP A 281 20.28 15.63 3.59
C ASP A 281 21.70 15.06 3.65
N ALA A 282 21.90 14.09 4.54
CA ALA A 282 23.21 13.47 4.71
C ALA A 282 23.65 12.63 3.52
N LEU A 283 22.84 11.63 3.16
CA LEU A 283 23.18 10.74 2.05
C LEU A 283 23.38 11.43 0.70
N SER A 284 22.62 12.49 0.44
CA SER A 284 22.74 13.19 -0.85
C SER A 284 24.11 13.84 -1.04
N LYS A 285 24.87 13.97 0.05
CA LYS A 285 26.18 14.58 -0.02
C LYS A 285 27.28 13.58 -0.38
N ILE A 286 26.89 12.31 -0.51
CA ILE A 286 27.84 11.27 -0.88
C ILE A 286 27.81 11.05 -2.38
N ASP A 287 28.95 11.22 -3.04
CA ASP A 287 29.05 11.06 -4.47
C ASP A 287 28.64 9.65 -4.90
N GLY A 288 27.77 9.56 -5.89
CA GLY A 288 27.32 8.25 -6.35
C GLY A 288 26.03 7.80 -5.69
N ILE A 289 25.56 8.55 -4.71
CA ILE A 289 24.32 8.24 -4.01
C ILE A 289 23.24 9.22 -4.50
N LYS A 290 22.09 8.69 -4.89
CA LYS A 290 21.00 9.53 -5.36
C LYS A 290 19.71 9.21 -4.61
N VAL A 291 19.23 10.17 -3.81
CA VAL A 291 18.00 10.00 -3.06
C VAL A 291 16.82 10.11 -4.03
N MET A 292 15.62 9.75 -3.58
CA MET A 292 14.44 9.85 -4.43
C MET A 292 14.02 11.32 -4.53
N LYS A 293 13.31 11.66 -5.60
CA LYS A 293 12.88 13.04 -5.81
C LYS A 293 11.47 13.30 -5.28
N ARG A 294 11.37 14.13 -4.24
CA ARG A 294 10.09 14.46 -3.64
C ARG A 294 9.46 15.67 -4.32
N PRO A 295 8.26 15.49 -4.89
CA PRO A 295 7.50 16.54 -5.59
C PRO A 295 7.01 17.62 -4.63
N PRO A 296 6.87 18.86 -5.11
CA PRO A 296 6.40 19.99 -4.30
C PRO A 296 4.99 19.74 -3.76
N GLN A 297 4.18 19.05 -4.55
CA GLN A 297 2.80 18.75 -4.15
C GLN A 297 2.68 17.91 -2.88
N VAL A 298 3.75 17.19 -2.54
CA VAL A 298 3.72 16.35 -1.35
C VAL A 298 4.07 17.15 -0.08
N SER A 299 3.09 17.36 0.78
CA SER A 299 3.31 18.10 2.02
C SER A 299 3.61 17.15 3.19
N ARG A 300 3.14 15.91 3.07
CA ARG A 300 3.37 14.89 4.08
C ARG A 300 3.64 13.58 3.36
N GLN A 301 4.81 13.00 3.58
CA GLN A 301 5.15 11.74 2.94
C GLN A 301 5.28 10.66 3.99
N THR A 302 4.48 9.61 3.85
CA THR A 302 4.54 8.49 4.77
C THR A 302 5.59 7.55 4.19
N TYR A 303 6.58 7.20 5.01
CA TYR A 303 7.63 6.30 4.56
C TYR A 303 7.46 4.87 5.06
N TYR A 304 6.88 4.01 4.22
CA TYR A 304 6.73 2.61 4.56
C TYR A 304 8.14 2.07 4.35
N GLY A 305 8.84 2.67 3.40
CA GLY A 305 10.21 2.27 3.11
C GLY A 305 11.03 3.47 2.68
N TYR A 306 12.24 3.59 3.23
CA TYR A 306 13.12 4.69 2.84
C TYR A 306 14.04 4.15 1.77
N VAL A 307 13.99 4.75 0.58
CA VAL A 307 14.80 4.29 -0.53
C VAL A 307 15.85 5.27 -1.03
N PHE A 308 17.06 4.76 -1.28
CA PHE A 308 18.11 5.56 -1.87
C PHE A 308 18.84 4.69 -2.87
N ARG A 309 19.26 5.30 -3.98
CA ARG A 309 19.95 4.57 -5.03
C ARG A 309 21.44 4.89 -5.06
N PHE A 310 22.20 3.99 -5.68
CA PHE A 310 23.64 4.19 -5.78
C PHE A 310 24.12 3.85 -7.18
N ASP A 311 25.24 4.46 -7.56
CA ASP A 311 25.85 4.26 -8.87
C ASP A 311 26.89 3.15 -8.76
N PRO A 312 26.59 1.96 -9.31
CA PRO A 312 27.53 0.84 -9.25
C PRO A 312 28.92 1.21 -9.76
N VAL A 313 28.95 2.10 -10.75
CA VAL A 313 30.22 2.54 -11.32
C VAL A 313 31.10 3.19 -10.27
N LYS A 314 30.48 3.86 -9.30
CA LYS A 314 31.22 4.51 -8.23
C LYS A 314 31.31 3.66 -6.96
N PHE A 315 30.68 2.49 -6.97
CA PHE A 315 30.74 1.62 -5.80
C PHE A 315 31.27 0.22 -6.10
N GLY A 316 32.45 0.18 -6.72
CA GLY A 316 33.08 -1.10 -7.04
C GLY A 316 32.28 -2.12 -7.80
N GLY A 317 31.23 -1.69 -8.50
CA GLY A 317 30.42 -2.62 -9.26
C GLY A 317 29.52 -3.50 -8.42
N LEU A 318 29.36 -3.14 -7.15
CA LEU A 318 28.50 -3.90 -6.25
C LEU A 318 27.05 -3.85 -6.73
N ASN A 319 26.30 -4.89 -6.43
CA ASN A 319 24.89 -4.91 -6.77
C ASN A 319 24.21 -4.55 -5.45
N ALA A 320 22.92 -4.26 -5.47
CA ALA A 320 22.22 -3.88 -4.25
C ALA A 320 22.33 -4.96 -3.17
N ASP A 321 22.25 -6.22 -3.58
CA ASP A 321 22.34 -7.33 -2.63
C ASP A 321 23.60 -7.27 -1.79
N GLN A 322 24.74 -7.12 -2.46
CA GLN A 322 26.02 -7.06 -1.77
C GLN A 322 26.11 -5.78 -0.92
N PHE A 323 25.59 -4.69 -1.46
CA PHE A 323 25.61 -3.41 -0.75
C PHE A 323 24.89 -3.58 0.58
N CYS A 324 23.68 -4.15 0.53
CA CYS A 324 22.88 -4.37 1.73
C CYS A 324 23.52 -5.33 2.72
N GLU A 325 24.17 -6.37 2.21
CA GLU A 325 24.83 -7.34 3.06
C GLU A 325 25.91 -6.65 3.90
N ILE A 326 26.67 -5.77 3.26
CA ILE A 326 27.72 -5.03 3.93
C ILE A 326 27.13 -4.14 5.02
N LEU A 327 26.11 -3.37 4.65
CA LEU A 327 25.46 -2.48 5.61
C LEU A 327 24.88 -3.25 6.80
N ARG A 328 24.20 -4.35 6.53
CA ARG A 328 23.58 -5.14 7.58
C ARG A 328 24.61 -5.67 8.57
N GLU A 329 25.77 -6.09 8.07
CA GLU A 329 26.80 -6.62 8.95
C GLU A 329 27.42 -5.49 9.76
N LYS A 330 27.55 -4.32 9.15
CA LYS A 330 28.12 -3.16 9.83
C LYS A 330 27.16 -2.54 10.85
N LEU A 331 25.86 -2.56 10.53
CA LEU A 331 24.85 -1.97 11.43
C LEU A 331 24.17 -3.02 12.29
N ASN A 332 24.38 -4.28 11.96
CA ASN A 332 23.76 -5.39 12.67
C ASN A 332 22.24 -5.32 12.66
N MET A 333 21.65 -5.23 11.47
CA MET A 333 20.20 -5.22 11.37
C MET A 333 19.74 -6.30 10.39
N GLY A 334 18.56 -6.84 10.66
CA GLY A 334 18.01 -7.91 9.85
C GLY A 334 17.69 -7.63 8.40
N THR A 335 17.62 -8.71 7.63
CA THR A 335 17.32 -8.65 6.21
C THR A 335 15.94 -8.04 5.97
N PHE A 336 15.03 -8.26 6.90
CA PHE A 336 13.69 -7.70 6.77
C PHE A 336 13.71 -6.18 6.81
N TYR A 337 14.68 -5.60 7.51
CA TYR A 337 14.78 -4.16 7.65
C TYR A 337 15.66 -3.39 6.67
N LEU A 338 16.59 -4.08 6.00
CA LEU A 338 17.47 -3.43 5.03
C LEU A 338 17.71 -4.43 3.91
N HIS A 339 17.21 -4.10 2.72
CA HIS A 339 17.31 -4.98 1.57
C HIS A 339 16.99 -4.22 0.28
N PRO A 340 17.27 -4.83 -0.87
CA PRO A 340 16.99 -4.20 -2.17
C PRO A 340 15.50 -4.33 -2.51
N PRO A 341 15.01 -3.51 -3.46
CA PRO A 341 13.60 -3.61 -3.83
C PRO A 341 13.45 -5.00 -4.46
N TYR A 342 12.24 -5.55 -4.47
CA TYR A 342 12.05 -6.87 -5.07
C TYR A 342 11.95 -6.75 -6.59
N LEU A 343 11.83 -7.89 -7.26
CA LEU A 343 11.72 -7.91 -8.72
C LEU A 343 10.41 -7.31 -9.20
N PRO A 344 10.39 -6.78 -10.43
CA PRO A 344 9.16 -6.20 -10.97
C PRO A 344 8.17 -7.35 -11.06
N VAL A 345 6.87 -7.03 -11.04
CA VAL A 345 5.85 -8.08 -11.08
C VAL A 345 6.02 -9.10 -12.21
N HIS A 346 6.16 -8.63 -13.44
CA HIS A 346 6.30 -9.53 -14.59
C HIS A 346 7.46 -10.52 -14.50
N LYS A 347 8.48 -10.17 -13.72
CA LYS A 347 9.65 -11.06 -13.57
C LYS A 347 9.59 -11.82 -12.24
N ASN A 348 8.69 -11.42 -11.35
CA ASN A 348 8.57 -12.05 -10.03
C ASN A 348 8.04 -13.49 -10.09
N PRO A 349 8.81 -14.45 -9.54
CA PRO A 349 8.42 -15.86 -9.54
C PRO A 349 7.03 -16.09 -8.92
N LEU A 350 6.64 -15.23 -7.99
CA LEU A 350 5.34 -15.36 -7.34
C LEU A 350 4.21 -15.02 -8.32
N PHE A 351 4.52 -14.28 -9.37
CA PHE A 351 3.52 -13.91 -10.37
C PHE A 351 3.57 -15.01 -11.44
N CYS A 352 2.57 -15.87 -11.46
CA CYS A 352 2.50 -16.98 -12.42
C CYS A 352 1.04 -17.32 -12.77
N PRO A 353 0.32 -16.36 -13.39
CA PRO A 353 -1.09 -16.47 -13.79
C PRO A 353 -1.43 -17.72 -14.60
N TRP A 354 -0.53 -18.08 -15.51
CA TRP A 354 -0.73 -19.23 -16.39
C TRP A 354 -0.87 -20.58 -15.68
N THR A 355 -0.55 -20.63 -14.39
CA THR A 355 -0.62 -21.89 -13.64
C THR A 355 -1.97 -22.36 -13.10
N LYS A 356 -3.03 -21.57 -13.24
CA LYS A 356 -4.32 -22.03 -12.73
C LYS A 356 -5.53 -21.74 -13.62
N ASN A 357 -6.39 -22.74 -13.75
CA ASN A 357 -7.58 -22.63 -14.57
C ASN A 357 -8.59 -21.61 -14.09
N ARG A 358 -8.50 -21.23 -12.82
CA ARG A 358 -9.43 -20.25 -12.28
C ARG A 358 -9.35 -18.96 -13.08
N TYR A 359 -8.19 -18.67 -13.65
CA TYR A 359 -8.02 -17.47 -14.45
C TYR A 359 -8.45 -17.76 -15.89
N LEU A 360 -9.06 -16.78 -16.54
CA LEU A 360 -9.48 -16.98 -17.92
C LEU A 360 -8.23 -17.22 -18.76
N LYS A 361 -8.35 -18.14 -19.71
CA LYS A 361 -7.22 -18.45 -20.59
C LYS A 361 -6.78 -17.18 -21.30
N SER A 362 -7.73 -16.33 -21.66
CA SER A 362 -7.45 -15.09 -22.36
C SER A 362 -6.64 -14.06 -21.58
N VAL A 363 -6.69 -14.10 -20.24
CA VAL A 363 -5.94 -13.13 -19.46
C VAL A 363 -4.69 -13.71 -18.79
N ARG A 364 -4.67 -15.02 -18.57
CA ARG A 364 -3.50 -15.62 -17.92
C ARG A 364 -2.37 -15.79 -18.94
N LYS A 365 -2.72 -15.80 -20.23
CA LYS A 365 -1.74 -15.95 -21.30
C LYS A 365 -0.80 -17.13 -21.06
N THR A 366 0.50 -16.87 -21.20
CA THR A 366 1.53 -17.89 -21.01
C THR A 366 2.72 -17.30 -20.27
N GLU A 367 3.58 -18.17 -19.78
CA GLU A 367 4.78 -17.74 -19.07
C GLU A 367 5.62 -16.80 -19.92
N ALA A 368 5.87 -17.17 -21.17
CA ALA A 368 6.67 -16.33 -22.07
C ALA A 368 6.09 -14.93 -22.25
N TYR A 369 4.76 -14.84 -22.33
CA TYR A 369 4.11 -13.55 -22.52
C TYR A 369 4.46 -12.56 -21.42
N TRP A 370 4.37 -12.98 -20.16
CA TRP A 370 4.67 -12.10 -19.04
C TRP A 370 6.16 -11.94 -18.80
N ARG A 371 6.88 -13.07 -18.69
CA ARG A 371 8.33 -13.02 -18.45
C ARG A 371 9.06 -12.27 -19.56
N GLY A 372 8.48 -12.27 -20.76
CA GLY A 372 9.10 -11.60 -21.88
C GLY A 372 8.89 -10.10 -21.94
N LEU A 373 8.12 -9.55 -20.99
CA LEU A 373 7.89 -8.11 -20.97
C LEU A 373 9.16 -7.38 -20.59
N HIS A 374 9.27 -6.13 -21.02
CA HIS A 374 10.47 -5.31 -20.79
C HIS A 374 10.17 -3.95 -20.16
N TYR A 375 10.61 -3.74 -18.92
CA TYR A 375 10.41 -2.47 -18.22
C TYR A 375 11.73 -2.15 -17.51
N PRO A 376 12.66 -1.53 -18.25
CA PRO A 376 14.01 -1.13 -17.83
C PRO A 376 14.14 -0.53 -16.44
N VAL A 377 13.47 0.59 -16.20
CA VAL A 377 13.57 1.25 -14.90
C VAL A 377 13.18 0.35 -13.73
N SER A 378 11.99 -0.23 -13.78
CA SER A 378 11.55 -1.10 -12.68
C SER A 378 12.49 -2.29 -12.50
N GLU A 379 13.09 -2.75 -13.60
CA GLU A 379 13.99 -3.89 -13.53
C GLU A 379 15.34 -3.57 -12.89
N ARG A 380 15.90 -2.40 -13.21
CA ARG A 380 17.18 -2.01 -12.64
C ARG A 380 17.09 -1.61 -11.17
N ALA A 381 15.87 -1.30 -10.72
CA ALA A 381 15.64 -0.88 -9.34
C ALA A 381 16.17 -1.83 -8.29
N SER A 382 15.89 -3.12 -8.43
CA SER A 382 16.34 -4.11 -7.46
C SER A 382 17.85 -4.29 -7.46
N GLY A 383 18.51 -3.82 -8.50
CA GLY A 383 19.96 -3.97 -8.57
C GLY A 383 20.79 -2.80 -8.09
N GLN A 384 20.19 -1.63 -7.92
CA GLN A 384 20.95 -0.47 -7.49
C GLN A 384 20.27 0.48 -6.51
N SER A 385 19.46 -0.06 -5.62
CA SER A 385 18.80 0.79 -4.64
C SER A 385 18.66 0.01 -3.34
N ILE A 386 18.66 0.75 -2.24
CA ILE A 386 18.55 0.17 -0.91
C ILE A 386 17.23 0.60 -0.25
N VAL A 387 16.55 -0.33 0.38
CA VAL A 387 15.30 -0.05 1.07
C VAL A 387 15.46 -0.22 2.56
N ILE A 388 15.11 0.81 3.31
CA ILE A 388 15.18 0.78 4.77
C ILE A 388 13.75 0.68 5.28
N HIS A 389 13.42 -0.36 6.03
CA HIS A 389 12.07 -0.51 6.56
C HIS A 389 11.76 0.67 7.50
N HIS A 390 10.52 1.13 7.49
CA HIS A 390 10.11 2.27 8.31
C HIS A 390 10.39 2.18 9.81
N ALA A 391 10.42 0.97 10.36
CA ALA A 391 10.69 0.83 11.79
C ALA A 391 12.04 1.49 12.12
N ILE A 392 13.00 1.32 11.22
CA ILE A 392 14.32 1.90 11.41
C ILE A 392 14.24 3.43 11.46
N LEU A 393 13.27 4.00 10.72
CA LEU A 393 13.11 5.44 10.69
C LEU A 393 12.55 5.98 12.00
N LEU A 394 12.34 5.09 12.97
CA LEU A 394 11.82 5.48 14.27
C LEU A 394 12.95 5.55 15.29
N ALA A 395 14.17 5.23 14.86
CA ALA A 395 15.33 5.25 15.74
C ALA A 395 15.80 6.67 16.03
N GLU A 396 16.63 6.81 17.07
CA GLU A 396 17.18 8.10 17.45
C GLU A 396 18.12 8.55 16.33
N PRO A 397 18.17 9.86 16.07
CA PRO A 397 19.05 10.42 15.02
C PRO A 397 20.50 9.97 15.14
N SER A 398 21.01 9.91 16.36
CA SER A 398 22.39 9.49 16.57
C SER A 398 22.60 8.08 16.02
N HIS A 399 21.58 7.25 16.13
CA HIS A 399 21.68 5.88 15.63
C HIS A 399 21.64 5.83 14.11
N LEU A 400 20.79 6.65 13.51
CA LEU A 400 20.69 6.68 12.06
C LEU A 400 22.00 7.14 11.43
N SER A 401 22.70 8.03 12.14
CA SER A 401 23.99 8.53 11.65
C SER A 401 24.92 7.36 11.34
N LEU A 402 24.77 6.28 12.11
CA LEU A 402 25.59 5.09 11.89
C LEU A 402 25.38 4.60 10.46
N LEU A 403 24.13 4.59 10.01
CA LEU A 403 23.81 4.16 8.65
C LEU A 403 24.54 5.06 7.65
N VAL A 404 24.45 6.38 7.87
CA VAL A 404 25.11 7.33 6.99
C VAL A 404 26.62 7.09 7.00
N ASP A 405 27.18 6.85 8.17
CA ASP A 405 28.63 6.61 8.29
C ASP A 405 29.00 5.34 7.54
N ALA A 406 28.16 4.32 7.66
CA ALA A 406 28.40 3.05 7.00
C ALA A 406 28.47 3.25 5.48
N VAL A 407 27.53 4.02 4.95
CA VAL A 407 27.49 4.29 3.52
C VAL A 407 28.70 5.14 3.11
N ALA A 408 29.07 6.08 3.97
CA ALA A 408 30.21 6.96 3.70
C ALA A 408 31.51 6.15 3.67
N GLU A 409 31.67 5.25 4.64
CA GLU A 409 32.87 4.42 4.72
C GLU A 409 32.99 3.57 3.47
N LEU A 410 31.88 2.96 3.06
CA LEU A 410 31.87 2.12 1.87
C LEU A 410 32.24 2.93 0.64
N ALA A 411 31.81 4.20 0.62
CA ALA A 411 32.10 5.08 -0.51
C ALA A 411 33.59 5.46 -0.55
N ARG A 412 34.15 5.72 0.63
CA ARG A 412 35.55 6.10 0.72
C ARG A 412 36.44 4.94 0.25
N LYS A 413 35.97 3.73 0.45
CA LYS A 413 36.72 2.54 0.06
C LYS A 413 36.86 2.41 -1.46
N PHE A 414 35.87 2.89 -2.19
CA PHE A 414 35.89 2.81 -3.65
C PHE A 414 36.35 4.12 -4.28
N CYS A 415 36.63 5.12 -3.45
CA CYS A 415 37.08 6.41 -3.94
C CYS A 415 38.57 6.31 -4.30
N VAL A 416 38.88 6.58 -5.56
CA VAL A 416 40.26 6.51 -6.04
C VAL A 416 40.95 7.88 -6.04
N THR A 417 41.26 8.36 -4.93
N1 PLP B . -0.06 -3.41 -2.76
C2 PLP B . 1.07 -2.91 -2.13
C2A PLP B . 1.77 -1.77 -2.85
C3 PLP B . 1.44 -3.48 -0.91
O3 PLP B . 2.56 -2.95 -0.33
C4 PLP B . 0.74 -4.54 -0.30
C4A PLP B . 1.21 -5.14 1.06
C5 PLP B . -0.41 -5.07 -0.98
C6 PLP B . -0.76 -4.46 -2.18
C5A PLP B . -1.32 -6.20 -0.52
O4P PLP B . -1.82 -6.20 0.79
P PLP B . -2.03 -7.52 1.58
O1P PLP B . -2.56 -7.03 2.89
O2P PLP B . -0.69 -8.16 1.72
O3P PLP B . -3.00 -8.37 0.88
S SO4 C . 9.00 -4.55 0.27
O1 SO4 C . 9.08 -4.37 -1.34
O2 SO4 C . 9.36 -5.95 0.51
O3 SO4 C . 9.81 -3.72 0.86
O4 SO4 C . 7.60 -4.38 0.55
#